data_5G65
#
_entry.id   5G65
#
_cell.length_a   80.560
_cell.length_b   94.800
_cell.length_c   62.070
_cell.angle_alpha   90.00
_cell.angle_beta   90.00
_cell.angle_gamma   90.00
#
_symmetry.space_group_name_H-M   'P 21 21 2'
#
loop_
_entity.id
_entity.type
_entity.pdbx_description
1 polymer 'NITRIC OXIDE SYNTHASE OXYGENASE'
2 non-polymer 'PROTOPORPHYRIN IX CONTAINING FE'
3 non-polymer 'CHLORIDE ION'
4 non-polymer QUINOLIN-2-AMINE
5 non-polymer GLYCEROL
6 non-polymer DI(HYDROXYETHYL)ETHER
7 water water
#
_entity_poly.entity_id   1
_entity_poly.type   'polypeptide(L)'
_entity_poly.pdbx_seq_one_letter_code
;MEEKEILWNEAKAFIAACYQELGKAAEVKDRLADIKSEIDLTGSYVHTKEELEHGAKMAWRNSNRCIGRLFWNSLNVIDR
RDVRTKEEVRDALFHHIETATNNGKIRPTITIFPPEEKGEKQVEIWNHQLIRYAGYESDGERIGDPASCSLTAACEELGW
RGERTDFDLLPLIFRMKGDEQPVWYELPRSLVIEVPITHPDIEAFSDLELKWYGVPIISDMKLEVGGIHYNAAPFNGWYM
GTEIGARNLADEKRYDKLKKVASVIGIAADYNTDLWKDQALVELNKAVLHSYKKQGVSIVDHHTAASQFKRFEEQAEEAG
RKLTGDWTWLIPPISPAATHIFHRSYDNSIVKPNYFYQDKPYE
;
_entity_poly.pdbx_strand_id   A
#
# COMPACT_ATOMS: atom_id res chain seq x y z
N GLU A 2 -2.31 -15.81 -29.12
CA GLU A 2 -1.86 -16.04 -27.75
C GLU A 2 -2.52 -15.08 -26.76
N GLU A 3 -2.75 -13.84 -27.18
CA GLU A 3 -3.26 -12.81 -26.28
C GLU A 3 -4.71 -13.04 -25.86
N LYS A 4 -5.60 -13.25 -26.82
CA LYS A 4 -7.02 -13.40 -26.54
C LYS A 4 -7.31 -14.72 -25.84
N GLU A 5 -6.48 -15.73 -26.13
CA GLU A 5 -6.58 -17.03 -25.46
C GLU A 5 -6.38 -16.88 -23.94
N ILE A 6 -5.27 -16.26 -23.56
CA ILE A 6 -4.94 -16.04 -22.14
C ILE A 6 -6.07 -15.31 -21.41
N LEU A 7 -6.53 -14.22 -22.02
CA LEU A 7 -7.61 -13.43 -21.44
C LEU A 7 -8.85 -14.27 -21.20
N TRP A 8 -9.16 -15.15 -22.15
CA TRP A 8 -10.31 -16.03 -22.04
C TRP A 8 -10.17 -17.06 -20.91
N ASN A 9 -8.99 -17.68 -20.82
CA ASN A 9 -8.73 -18.69 -19.80
C ASN A 9 -8.85 -18.12 -18.39
N GLU A 10 -8.11 -17.04 -18.15
CA GLU A 10 -8.13 -16.35 -16.86
C GLU A 10 -9.53 -15.88 -16.50
N ALA A 11 -10.27 -15.39 -17.49
CA ALA A 11 -11.64 -14.94 -17.28
C ALA A 11 -12.56 -16.08 -16.88
N LYS A 12 -12.34 -17.26 -17.47
CA LYS A 12 -13.10 -18.44 -17.12
C LYS A 12 -12.90 -18.80 -15.65
N ALA A 13 -11.64 -18.84 -15.23
CA ALA A 13 -11.31 -19.18 -13.84
C ALA A 13 -11.85 -18.15 -12.86
N PHE A 14 -11.77 -16.87 -13.22
CA PHE A 14 -12.21 -15.81 -12.33
C PHE A 14 -13.73 -15.77 -12.15
N ILE A 15 -14.46 -15.69 -13.26
CA ILE A 15 -15.92 -15.57 -13.21
C ILE A 15 -16.55 -16.75 -12.46
N ALA A 16 -16.02 -17.94 -12.69
CA ALA A 16 -16.50 -19.14 -12.01
C ALA A 16 -16.35 -19.01 -10.50
N ALA A 17 -15.14 -18.68 -10.06
CA ALA A 17 -14.85 -18.55 -8.64
C ALA A 17 -15.58 -17.36 -8.02
N CYS A 18 -15.57 -16.23 -8.72
CA CYS A 18 -16.21 -15.00 -8.25
C CYS A 18 -17.72 -15.16 -8.07
N TYR A 19 -18.38 -15.73 -9.08
CA TYR A 19 -19.83 -15.92 -9.02
C TYR A 19 -20.23 -17.00 -8.02
N GLN A 20 -19.33 -17.97 -7.81
CA GLN A 20 -19.55 -18.99 -6.80
C GLN A 20 -19.58 -18.35 -5.41
N GLU A 21 -18.60 -17.50 -5.14
CA GLU A 21 -18.48 -16.84 -3.84
C GLU A 21 -19.65 -15.89 -3.58
N LEU A 22 -20.16 -15.26 -4.63
CA LEU A 22 -21.27 -14.32 -4.51
C LEU A 22 -22.62 -15.02 -4.48
N GLY A 23 -22.59 -16.35 -4.57
CA GLY A 23 -23.82 -17.13 -4.64
C GLY A 23 -24.55 -16.84 -5.93
N LYS A 24 -23.79 -16.60 -7.00
CA LYS A 24 -24.35 -16.34 -8.32
C LYS A 24 -23.96 -17.43 -9.30
N ALA A 25 -23.85 -18.65 -8.79
CA ALA A 25 -23.32 -19.77 -9.56
C ALA A 25 -24.02 -20.05 -10.89
N ALA A 26 -25.33 -19.80 -10.94
CA ALA A 26 -26.12 -20.11 -12.14
C ALA A 26 -26.01 -19.04 -13.23
N GLU A 27 -25.58 -17.84 -12.85
CA GLU A 27 -25.46 -16.72 -13.80
C GLU A 27 -24.15 -16.78 -14.58
N VAL A 28 -23.34 -17.80 -14.32
CA VAL A 28 -22.01 -17.92 -14.93
C VAL A 28 -22.06 -18.14 -16.44
N LYS A 29 -22.70 -19.24 -16.85
CA LYS A 29 -22.74 -19.65 -18.25
C LYS A 29 -23.12 -18.52 -19.22
N ASP A 30 -24.18 -17.79 -18.88
CA ASP A 30 -24.64 -16.68 -19.70
C ASP A 30 -23.65 -15.52 -19.68
N ARG A 31 -23.10 -15.23 -18.51
CA ARG A 31 -22.10 -14.17 -18.38
C ARG A 31 -20.81 -14.54 -19.11
N LEU A 32 -20.43 -15.82 -19.00
CA LEU A 32 -19.27 -16.32 -19.72
C LEU A 32 -19.48 -16.23 -21.22
N ALA A 33 -20.72 -16.45 -21.65
CA ALA A 33 -21.08 -16.34 -23.06
C ALA A 33 -20.87 -14.91 -23.56
N ASP A 34 -21.48 -13.95 -22.87
CA ASP A 34 -21.35 -12.53 -23.21
C ASP A 34 -19.88 -12.10 -23.28
N ILE A 35 -19.07 -12.61 -22.36
CA ILE A 35 -17.66 -12.28 -22.31
C ILE A 35 -16.91 -12.82 -23.53
N LYS A 36 -17.19 -14.05 -23.91
CA LYS A 36 -16.51 -14.68 -25.04
C LYS A 36 -16.80 -13.95 -26.34
N SER A 37 -18.03 -13.49 -26.51
CA SER A 37 -18.40 -12.70 -27.69
C SER A 37 -17.67 -11.37 -27.68
N GLU A 38 -17.54 -10.78 -26.50
CA GLU A 38 -16.88 -9.50 -26.33
C GLU A 38 -15.38 -9.60 -26.65
N ILE A 39 -14.76 -10.68 -26.20
CA ILE A 39 -13.34 -10.93 -26.48
C ILE A 39 -13.09 -11.12 -27.99
N ASP A 40 -13.89 -11.98 -28.62
CA ASP A 40 -13.82 -12.21 -30.06
C ASP A 40 -13.80 -10.89 -30.83
N LEU A 41 -14.78 -10.03 -30.51
CA LEU A 41 -15.01 -8.82 -31.28
C LEU A 41 -14.06 -7.66 -30.92
N THR A 42 -13.83 -7.46 -29.63
CA THR A 42 -13.13 -6.28 -29.14
C THR A 42 -11.70 -6.53 -28.64
N GLY A 43 -11.41 -7.78 -28.26
CA GLY A 43 -10.08 -8.12 -27.80
C GLY A 43 -9.92 -8.03 -26.28
N SER A 44 -10.99 -7.60 -25.61
CA SER A 44 -10.99 -7.49 -24.16
C SER A 44 -12.41 -7.52 -23.63
N TYR A 45 -12.56 -7.59 -22.30
CA TYR A 45 -13.89 -7.54 -21.68
C TYR A 45 -13.96 -6.54 -20.53
N VAL A 46 -15.17 -6.06 -20.26
CA VAL A 46 -15.41 -5.07 -19.22
C VAL A 46 -16.09 -5.71 -18.00
N HIS A 47 -15.45 -5.59 -16.85
CA HIS A 47 -16.02 -6.11 -15.61
C HIS A 47 -17.27 -5.32 -15.21
N THR A 48 -18.23 -6.02 -14.62
CA THR A 48 -19.35 -5.35 -13.98
C THR A 48 -18.82 -4.73 -12.69
N LYS A 49 -19.58 -3.82 -12.09
CA LYS A 49 -19.16 -3.21 -10.84
C LYS A 49 -19.00 -4.26 -9.75
N GLU A 50 -19.86 -5.28 -9.79
CA GLU A 50 -19.85 -6.34 -8.80
C GLU A 50 -18.62 -7.23 -8.93
N GLU A 51 -18.25 -7.55 -10.17
CA GLU A 51 -17.08 -8.37 -10.44
C GLU A 51 -15.80 -7.63 -10.05
N LEU A 52 -15.75 -6.35 -10.38
CA LEU A 52 -14.58 -5.53 -10.08
C LEU A 52 -14.38 -5.37 -8.58
N GLU A 53 -15.46 -5.03 -7.87
CA GLU A 53 -15.41 -4.86 -6.43
C GLU A 53 -14.93 -6.13 -5.74
N HIS A 54 -15.50 -7.26 -6.13
CA HIS A 54 -15.14 -8.53 -5.50
C HIS A 54 -13.73 -8.98 -5.93
N GLY A 55 -13.37 -8.70 -7.17
CA GLY A 55 -12.04 -9.05 -7.67
C GLY A 55 -10.94 -8.33 -6.93
N ALA A 56 -11.19 -7.07 -6.59
CA ALA A 56 -10.24 -6.28 -5.82
C ALA A 56 -10.13 -6.82 -4.40
N LYS A 57 -11.25 -7.29 -3.87
CA LYS A 57 -11.28 -7.87 -2.53
C LYS A 57 -10.56 -9.22 -2.48
N MET A 58 -10.77 -10.04 -3.51
CA MET A 58 -10.08 -11.33 -3.62
C MET A 58 -8.58 -11.12 -3.72
N ALA A 59 -8.17 -10.10 -4.47
CA ALA A 59 -6.75 -9.81 -4.67
C ALA A 59 -6.06 -9.50 -3.34
N TRP A 60 -6.74 -8.76 -2.47
CA TRP A 60 -6.20 -8.45 -1.15
C TRP A 60 -6.12 -9.73 -0.33
N ARG A 61 -7.13 -10.57 -0.45
CA ARG A 61 -7.19 -11.84 0.26
C ARG A 61 -6.03 -12.76 -0.14
N ASN A 62 -5.56 -12.60 -1.38
CA ASN A 62 -4.50 -13.45 -1.91
C ASN A 62 -3.11 -12.84 -1.77
N SER A 63 -3.03 -11.66 -1.16
CA SER A 63 -1.76 -11.00 -0.97
C SER A 63 -0.95 -11.67 0.14
N ASN A 64 -0.11 -12.63 -0.25
CA ASN A 64 0.68 -13.46 0.67
C ASN A 64 1.46 -12.67 1.72
N ARG A 65 1.90 -11.47 1.37
CA ARG A 65 2.78 -10.69 2.24
C ARG A 65 2.03 -9.79 3.22
N CYS A 66 0.70 -9.84 3.17
CA CYS A 66 -0.12 -8.93 3.98
C CYS A 66 -0.67 -9.58 5.26
N ILE A 67 -0.33 -9.00 6.40
CA ILE A 67 -0.76 -9.48 7.70
C ILE A 67 -2.19 -9.03 8.04
N GLY A 68 -2.69 -8.05 7.32
CA GLY A 68 -3.97 -7.45 7.67
C GLY A 68 -5.16 -7.94 6.85
N ARG A 69 -5.05 -9.15 6.33
CA ARG A 69 -6.04 -9.66 5.37
C ARG A 69 -7.40 -10.05 5.96
N LEU A 70 -7.53 -10.02 7.28
CA LEU A 70 -8.79 -10.38 7.93
C LEU A 70 -9.97 -9.56 7.40
N PHE A 71 -9.70 -8.32 7.02
CA PHE A 71 -10.74 -7.39 6.62
C PHE A 71 -10.85 -7.21 5.12
N TRP A 72 -10.46 -8.25 4.38
CA TRP A 72 -10.48 -8.23 2.91
C TRP A 72 -11.86 -7.90 2.34
N ASN A 73 -12.90 -8.38 2.99
CA ASN A 73 -14.25 -8.26 2.44
C ASN A 73 -14.91 -6.90 2.69
N SER A 74 -14.27 -6.06 3.49
CA SER A 74 -14.84 -4.74 3.79
C SER A 74 -14.11 -3.62 3.05
N LEU A 75 -13.28 -4.00 2.08
CA LEU A 75 -12.55 -3.02 1.27
C LEU A 75 -13.51 -2.08 0.56
N ASN A 76 -13.26 -0.78 0.69
CA ASN A 76 -14.05 0.23 0.01
C ASN A 76 -13.54 0.45 -1.41
N VAL A 77 -14.28 -0.05 -2.39
CA VAL A 77 -13.85 0.01 -3.78
C VAL A 77 -14.45 1.19 -4.55
N ILE A 78 -13.59 2.05 -5.09
CA ILE A 78 -14.06 3.19 -5.88
C ILE A 78 -13.79 2.96 -7.36
N ASP A 79 -14.87 2.85 -8.13
CA ASP A 79 -14.78 2.57 -9.55
C ASP A 79 -14.60 3.85 -10.37
N ARG A 80 -13.36 4.12 -10.79
CA ARG A 80 -13.09 5.29 -11.62
C ARG A 80 -12.54 4.93 -12.99
N ARG A 81 -13.16 3.95 -13.65
CA ARG A 81 -12.77 3.56 -15.00
C ARG A 81 -13.29 4.56 -16.02
N ASP A 82 -13.98 5.58 -15.55
CA ASP A 82 -14.61 6.58 -16.40
C ASP A 82 -13.71 7.80 -16.66
N VAL A 83 -12.58 7.87 -15.97
CA VAL A 83 -11.69 9.03 -16.11
C VAL A 83 -11.00 9.05 -17.48
N ARG A 84 -10.88 10.25 -18.04
CA ARG A 84 -10.26 10.43 -19.35
C ARG A 84 -9.23 11.55 -19.32
N THR A 85 -9.41 12.49 -18.40
CA THR A 85 -8.52 13.66 -18.32
C THR A 85 -7.61 13.61 -17.09
N LYS A 86 -6.48 14.30 -17.16
CA LYS A 86 -5.53 14.34 -16.05
C LYS A 86 -6.09 15.12 -14.86
N GLU A 87 -7.02 16.03 -15.12
CA GLU A 87 -7.73 16.73 -14.05
C GLU A 87 -8.63 15.77 -13.30
N GLU A 88 -9.21 14.82 -14.03
CA GLU A 88 -10.05 13.78 -13.43
C GLU A 88 -9.23 12.82 -12.57
N VAL A 89 -8.08 12.40 -13.09
CA VAL A 89 -7.17 11.53 -12.35
C VAL A 89 -6.74 12.21 -11.05
N ARG A 90 -6.28 13.46 -11.17
CA ARG A 90 -5.80 14.24 -10.03
C ARG A 90 -6.87 14.36 -8.94
N ASP A 91 -8.09 14.70 -9.34
CA ASP A 91 -9.18 14.86 -8.40
C ASP A 91 -9.60 13.52 -7.78
N ALA A 92 -9.47 12.45 -8.55
CA ALA A 92 -9.74 11.11 -8.04
C ALA A 92 -8.73 10.75 -6.95
N LEU A 93 -7.47 11.09 -7.19
CA LEU A 93 -6.40 10.84 -6.22
C LEU A 93 -6.59 11.70 -4.97
N PHE A 94 -6.98 12.97 -5.17
CA PHE A 94 -7.31 13.85 -4.07
C PHE A 94 -8.46 13.26 -3.27
N HIS A 95 -9.48 12.79 -3.98
CA HIS A 95 -10.66 12.20 -3.35
C HIS A 95 -10.31 10.94 -2.55
N HIS A 96 -9.45 10.10 -3.11
CA HIS A 96 -9.04 8.87 -2.43
C HIS A 96 -8.40 9.21 -1.10
N ILE A 97 -7.48 10.17 -1.11
CA ILE A 97 -6.81 10.61 0.11
C ILE A 97 -7.82 11.07 1.16
N GLU A 98 -8.77 11.90 0.73
CA GLU A 98 -9.76 12.45 1.65
C GLU A 98 -10.65 11.39 2.30
N THR A 99 -11.24 10.52 1.48
CA THR A 99 -12.20 9.54 2.00
C THR A 99 -11.52 8.40 2.77
N ALA A 100 -10.32 8.01 2.35
CA ALA A 100 -9.59 6.97 3.05
C ALA A 100 -9.12 7.47 4.40
N THR A 101 -8.70 8.73 4.43
CA THR A 101 -8.27 9.36 5.68
C THR A 101 -9.43 9.45 6.67
N ASN A 102 -10.57 9.95 6.19
CA ASN A 102 -11.79 10.02 6.97
C ASN A 102 -11.59 10.63 8.36
N ASN A 103 -10.91 11.78 8.39
CA ASN A 103 -10.65 12.49 9.64
C ASN A 103 -9.89 11.67 10.69
N GLY A 104 -9.12 10.68 10.23
CA GLY A 104 -8.36 9.85 11.16
C GLY A 104 -8.86 8.42 11.28
N LYS A 105 -10.16 8.22 11.13
CA LYS A 105 -10.71 6.86 11.18
C LYS A 105 -10.60 6.23 9.80
N ILE A 106 -9.40 5.76 9.48
CA ILE A 106 -9.03 5.31 8.15
C ILE A 106 -9.90 4.20 7.56
N ARG A 107 -10.40 4.44 6.34
CA ARG A 107 -11.14 3.44 5.60
C ARG A 107 -10.22 2.79 4.58
N PRO A 108 -10.03 1.46 4.69
CA PRO A 108 -9.28 0.75 3.65
C PRO A 108 -9.98 0.94 2.31
N THR A 109 -9.27 1.51 1.34
CA THR A 109 -9.89 1.96 0.11
C THR A 109 -9.01 1.72 -1.12
N ILE A 110 -9.63 1.34 -2.23
CA ILE A 110 -8.93 1.26 -3.51
C ILE A 110 -9.68 2.07 -4.58
N THR A 111 -8.94 2.88 -5.33
CA THR A 111 -9.50 3.60 -6.46
C THR A 111 -9.00 2.93 -7.74
N ILE A 112 -9.91 2.45 -8.57
CA ILE A 112 -9.53 1.71 -9.77
C ILE A 112 -9.69 2.52 -11.05
N PHE A 113 -8.59 2.70 -11.77
CA PHE A 113 -8.57 3.50 -12.98
C PHE A 113 -8.71 2.59 -14.20
N PRO A 114 -8.93 3.16 -15.41
CA PRO A 114 -9.04 2.31 -16.60
C PRO A 114 -7.84 1.38 -16.74
N PRO A 115 -8.11 0.11 -17.11
CA PRO A 115 -7.05 -0.90 -17.18
C PRO A 115 -6.23 -0.77 -18.45
N GLU A 116 -5.18 -1.56 -18.57
CA GLU A 116 -4.40 -1.61 -19.80
C GLU A 116 -5.29 -2.09 -20.93
N GLU A 117 -5.08 -1.55 -22.13
CA GLU A 117 -5.91 -1.90 -23.28
C GLU A 117 -5.28 -3.05 -24.05
N LYS A 118 -4.21 -2.75 -24.78
CA LYS A 118 -3.44 -3.75 -25.50
C LYS A 118 -2.15 -4.02 -24.75
N GLY A 119 -2.13 -3.71 -23.46
CA GLY A 119 -0.90 -3.67 -22.71
C GLY A 119 -0.43 -2.23 -22.71
N GLU A 120 -1.23 -1.40 -23.38
CA GLU A 120 -1.02 0.04 -23.40
C GLU A 120 -1.71 0.65 -22.18
N LYS A 121 -0.94 1.38 -21.38
CA LYS A 121 -1.49 1.98 -20.16
C LYS A 121 -2.27 3.25 -20.47
N GLN A 122 -3.45 3.36 -19.86
CA GLN A 122 -4.27 4.56 -19.99
C GLN A 122 -3.74 5.63 -19.04
N VAL A 123 -3.44 5.18 -17.82
CA VAL A 123 -2.93 6.06 -16.76
C VAL A 123 -1.73 5.39 -16.09
N GLU A 124 -0.65 6.13 -15.92
CA GLU A 124 0.56 5.59 -15.29
C GLU A 124 0.99 6.43 -14.08
N ILE A 125 0.74 5.91 -12.88
CA ILE A 125 1.10 6.62 -11.65
C ILE A 125 2.56 6.37 -11.28
N TRP A 126 3.32 7.45 -11.09
CA TRP A 126 4.75 7.34 -10.78
C TRP A 126 5.03 7.20 -9.28
N ASN A 127 4.14 7.75 -8.46
CA ASN A 127 4.29 7.70 -7.01
C ASN A 127 4.32 6.26 -6.49
N HIS A 128 5.20 6.01 -5.52
CA HIS A 128 5.20 4.73 -4.84
C HIS A 128 4.01 4.71 -3.90
N GLN A 129 3.89 5.77 -3.11
CA GLN A 129 2.67 6.03 -2.33
C GLN A 129 2.20 7.44 -2.65
N LEU A 130 0.89 7.65 -2.63
CA LEU A 130 0.32 8.97 -2.92
C LEU A 130 0.87 10.03 -1.98
N ILE A 131 1.10 9.63 -0.73
CA ILE A 131 1.75 10.50 0.25
C ILE A 131 3.09 9.89 0.65
N ARG A 132 4.17 10.59 0.31
CA ARG A 132 5.52 10.10 0.56
C ARG A 132 6.46 11.29 0.67
N TYR A 133 7.47 11.17 1.53
CA TYR A 133 8.44 12.25 1.73
C TYR A 133 9.58 12.18 0.71
N ALA A 134 10.01 13.35 0.23
CA ALA A 134 11.10 13.44 -0.73
C ALA A 134 12.43 13.08 -0.09
N GLY A 135 13.43 12.80 -0.92
CA GLY A 135 14.76 12.47 -0.44
C GLY A 135 15.83 13.09 -1.31
N TYR A 136 16.89 13.58 -0.67
CA TYR A 136 17.94 14.28 -1.40
C TYR A 136 19.33 13.82 -0.97
N GLU A 137 20.27 13.84 -1.90
CA GLU A 137 21.68 13.63 -1.60
C GLU A 137 22.55 14.49 -2.51
N SER A 138 23.23 15.46 -1.91
CA SER A 138 24.11 16.34 -2.66
C SER A 138 25.28 16.80 -1.81
N ASP A 139 26.50 16.44 -2.22
CA ASP A 139 27.73 16.85 -1.52
C ASP A 139 27.72 16.47 -0.04
N GLY A 140 27.65 15.17 0.24
CA GLY A 140 27.68 14.68 1.61
C GLY A 140 26.36 14.82 2.34
N GLU A 141 25.54 15.76 1.91
CA GLU A 141 24.30 16.08 2.62
C GLU A 141 23.17 15.09 2.35
N ARG A 142 22.72 14.43 3.41
CA ARG A 142 21.62 13.48 3.32
C ARG A 142 20.36 14.11 3.93
N ILE A 143 19.32 14.24 3.11
CA ILE A 143 18.09 14.90 3.56
C ILE A 143 16.85 14.10 3.17
N GLY A 144 15.92 13.95 4.11
CA GLY A 144 14.66 13.29 3.83
C GLY A 144 14.74 11.78 3.77
N ASP A 145 13.88 11.18 2.95
CA ASP A 145 13.79 9.73 2.82
C ASP A 145 14.60 9.24 1.62
N PRO A 146 15.73 8.56 1.89
CA PRO A 146 16.62 8.06 0.83
C PRO A 146 15.91 7.15 -0.17
N ALA A 147 14.87 6.44 0.26
CA ALA A 147 14.12 5.56 -0.63
C ALA A 147 13.39 6.34 -1.72
N SER A 148 13.23 7.65 -1.50
CA SER A 148 12.55 8.51 -2.46
C SER A 148 13.51 9.31 -3.34
N CYS A 149 14.81 9.03 -3.23
CA CYS A 149 15.82 9.80 -3.96
C CYS A 149 15.63 9.82 -5.46
N SER A 150 15.33 8.67 -6.07
CA SER A 150 15.21 8.57 -7.52
C SER A 150 13.96 9.27 -8.04
N LEU A 151 12.83 9.08 -7.37
CA LEU A 151 11.59 9.75 -7.77
C LEU A 151 11.67 11.25 -7.56
N THR A 152 12.34 11.66 -6.48
CA THR A 152 12.52 13.09 -6.18
C THR A 152 13.30 13.79 -7.27
N ALA A 153 14.40 13.18 -7.69
CA ALA A 153 15.22 13.73 -8.77
C ALA A 153 14.39 13.81 -10.05
N ALA A 154 13.56 12.80 -10.29
CA ALA A 154 12.70 12.75 -11.46
C ALA A 154 11.70 13.92 -11.44
N CYS A 155 11.10 14.14 -10.28
CA CYS A 155 10.17 15.24 -10.10
C CYS A 155 10.84 16.60 -10.32
N GLU A 156 12.05 16.74 -9.79
CA GLU A 156 12.79 18.00 -9.92
C GLU A 156 13.27 18.21 -11.35
N GLU A 157 13.37 17.13 -12.11
CA GLU A 157 13.70 17.23 -13.53
C GLU A 157 12.51 17.77 -14.32
N LEU A 158 11.35 17.84 -13.68
CA LEU A 158 10.12 18.27 -14.34
C LEU A 158 9.61 19.63 -13.86
N GLY A 159 10.44 20.35 -13.11
CA GLY A 159 10.09 21.69 -12.68
C GLY A 159 9.60 21.80 -11.25
N TRP A 160 9.41 20.67 -10.59
CA TRP A 160 9.10 20.69 -9.16
C TRP A 160 10.38 21.05 -8.40
N ARG A 161 10.22 21.67 -7.25
CA ARG A 161 11.34 21.96 -6.36
C ARG A 161 10.92 21.75 -4.93
N GLY A 162 11.68 20.93 -4.20
CA GLY A 162 11.38 20.67 -2.80
C GLY A 162 12.05 21.66 -1.88
N GLU A 163 11.44 21.91 -0.73
CA GLU A 163 11.98 22.87 0.23
C GLU A 163 13.22 22.32 0.92
N ARG A 164 13.44 21.01 0.78
CA ARG A 164 14.57 20.31 1.38
C ARG A 164 14.55 20.28 2.91
N THR A 165 13.35 20.07 3.45
CA THR A 165 13.21 19.66 4.83
C THR A 165 13.34 18.14 4.82
N ASP A 166 13.29 17.52 5.99
CA ASP A 166 13.36 16.07 6.04
C ASP A 166 12.00 15.44 5.72
N PHE A 167 10.99 16.29 5.52
CA PHE A 167 9.64 15.81 5.31
C PHE A 167 8.90 16.59 4.22
N ASP A 168 9.56 16.79 3.09
CA ASP A 168 8.90 17.40 1.93
C ASP A 168 7.87 16.43 1.37
N LEU A 169 6.64 16.90 1.21
CA LEU A 169 5.62 16.08 0.56
C LEU A 169 5.87 16.06 -0.94
N LEU A 170 6.07 14.86 -1.48
CA LEU A 170 6.23 14.70 -2.92
C LEU A 170 4.93 15.06 -3.62
N PRO A 171 5.03 15.62 -4.84
CA PRO A 171 3.81 15.93 -5.58
C PRO A 171 3.23 14.65 -6.17
N LEU A 172 1.93 14.63 -6.43
CA LEU A 172 1.36 13.53 -7.21
C LEU A 172 1.94 13.64 -8.59
N ILE A 173 2.36 12.52 -9.17
CA ILE A 173 2.93 12.54 -10.50
C ILE A 173 2.52 11.32 -11.30
N PHE A 174 1.84 11.56 -12.41
CA PHE A 174 1.33 10.50 -13.27
C PHE A 174 1.37 10.92 -14.73
N ARG A 175 1.42 9.92 -15.62
CA ARG A 175 1.45 10.20 -17.05
C ARG A 175 0.22 9.62 -17.75
N MET A 176 -0.40 10.43 -18.61
CA MET A 176 -1.56 10.00 -19.37
C MET A 176 -1.14 9.36 -20.68
N LYS A 177 -1.94 8.43 -21.18
CA LYS A 177 -1.70 7.81 -22.48
C LYS A 177 -1.63 8.89 -23.56
N GLY A 178 -0.56 8.88 -24.35
CA GLY A 178 -0.38 9.86 -25.40
C GLY A 178 0.69 10.88 -25.10
N ASP A 179 0.81 11.25 -23.82
CA ASP A 179 1.78 12.26 -23.40
C ASP A 179 3.17 11.66 -23.23
N GLU A 180 4.19 12.43 -23.63
CA GLU A 180 5.57 11.97 -23.50
C GLU A 180 6.04 12.11 -22.05
N GLN A 181 5.54 13.11 -21.35
CA GLN A 181 5.94 13.34 -19.96
C GLN A 181 4.75 13.28 -19.01
N PRO A 182 5.02 12.93 -17.74
CA PRO A 182 3.96 12.96 -16.73
C PRO A 182 3.69 14.39 -16.32
N VAL A 183 2.58 14.63 -15.62
CA VAL A 183 2.31 15.93 -15.02
C VAL A 183 2.46 15.78 -13.51
N TRP A 184 2.71 16.87 -12.80
CA TRP A 184 2.77 16.80 -11.35
C TRP A 184 1.90 17.87 -10.71
N TYR A 185 1.26 17.51 -9.60
CA TYR A 185 0.44 18.45 -8.85
C TYR A 185 0.86 18.42 -7.39
N GLU A 186 1.09 19.60 -6.83
CA GLU A 186 1.42 19.74 -5.42
C GLU A 186 0.25 19.23 -4.57
N LEU A 187 0.56 18.58 -3.45
CA LEU A 187 -0.48 18.09 -2.55
C LEU A 187 -1.01 19.22 -1.66
N PRO A 188 -2.34 19.36 -1.62
CA PRO A 188 -2.95 20.29 -0.67
C PRO A 188 -2.71 19.80 0.75
N ARG A 189 -2.10 20.64 1.59
CA ARG A 189 -1.76 20.25 2.96
C ARG A 189 -3.00 19.87 3.77
N SER A 190 -4.13 20.49 3.45
CA SER A 190 -5.39 20.23 4.17
C SER A 190 -5.86 18.80 4.01
N LEU A 191 -5.39 18.14 2.95
CA LEU A 191 -5.76 16.75 2.66
C LEU A 191 -4.90 15.76 3.44
N VAL A 192 -3.70 16.19 3.83
CA VAL A 192 -2.73 15.27 4.42
C VAL A 192 -2.63 15.42 5.94
N ILE A 193 -3.00 14.36 6.65
CA ILE A 193 -2.82 14.29 8.10
C ILE A 193 -1.41 13.80 8.43
N GLU A 194 -0.72 14.52 9.30
CA GLU A 194 0.57 14.09 9.79
C GLU A 194 0.52 13.93 11.30
N VAL A 195 1.37 13.06 11.84
CA VAL A 195 1.38 12.78 13.26
C VAL A 195 2.74 13.06 13.87
N PRO A 196 2.83 14.08 14.74
CA PRO A 196 4.08 14.34 15.48
C PRO A 196 4.34 13.20 16.46
N ILE A 197 5.57 12.70 16.49
CA ILE A 197 5.90 11.57 17.35
C ILE A 197 6.33 12.02 18.74
N THR A 198 5.51 11.71 19.74
CA THR A 198 5.86 11.95 21.13
C THR A 198 5.86 10.63 21.88
N HIS A 199 6.49 10.61 23.06
CA HIS A 199 6.54 9.41 23.89
C HIS A 199 5.60 9.59 25.07
N PRO A 200 4.91 8.51 25.47
CA PRO A 200 3.92 8.56 26.56
C PRO A 200 4.47 9.07 27.91
N ASP A 201 5.76 8.89 28.18
CA ASP A 201 6.32 9.33 29.45
C ASP A 201 7.74 9.91 29.37
N ILE A 202 8.32 9.91 28.18
CA ILE A 202 9.62 10.56 27.97
C ILE A 202 9.42 11.88 27.22
N GLU A 203 9.45 12.98 27.98
CA GLU A 203 9.13 14.30 27.43
C GLU A 203 10.13 14.75 26.37
N ALA A 204 11.38 14.32 26.51
CA ALA A 204 12.44 14.76 25.62
C ALA A 204 12.34 14.16 24.21
N PHE A 205 11.45 13.18 24.04
CA PHE A 205 11.33 12.49 22.75
C PHE A 205 10.94 13.45 21.63
N SER A 206 10.16 14.47 21.96
CA SER A 206 9.69 15.45 20.98
C SER A 206 10.84 16.30 20.43
N ASP A 207 12.00 16.25 21.10
CA ASP A 207 13.17 16.99 20.63
C ASP A 207 13.70 16.44 19.31
N LEU A 208 13.35 15.19 19.02
CA LEU A 208 13.78 14.55 17.77
C LEU A 208 13.03 15.15 16.58
N GLU A 209 11.90 15.81 16.87
CA GLU A 209 11.06 16.44 15.86
C GLU A 209 10.70 15.44 14.76
N LEU A 210 10.34 14.23 15.16
CA LEU A 210 9.93 13.20 14.22
C LEU A 210 8.45 13.32 13.91
N LYS A 211 8.07 12.92 12.69
CA LYS A 211 6.66 12.81 12.34
C LYS A 211 6.50 11.84 11.18
N TRP A 212 5.28 11.36 10.99
CA TRP A 212 4.96 10.56 9.83
C TRP A 212 3.55 10.86 9.35
N TYR A 213 3.24 10.48 8.12
CA TYR A 213 1.93 10.73 7.55
C TYR A 213 0.93 9.65 7.94
N GLY A 214 -0.34 10.01 8.01
CA GLY A 214 -1.36 9.12 8.52
C GLY A 214 -1.64 7.87 7.71
N VAL A 215 -1.73 8.03 6.38
CA VAL A 215 -2.25 6.96 5.53
C VAL A 215 -1.27 6.48 4.46
N PRO A 216 -0.91 5.18 4.53
CA PRO A 216 -0.07 4.53 3.50
C PRO A 216 -0.93 4.12 2.30
N ILE A 217 -0.74 4.81 1.17
CA ILE A 217 -1.56 4.54 -0.02
C ILE A 217 -0.70 4.08 -1.18
N ILE A 218 -0.48 2.77 -1.28
CA ILE A 218 0.41 2.21 -2.30
C ILE A 218 -0.17 2.39 -3.69
N SER A 219 0.58 3.03 -4.58
CA SER A 219 0.03 3.48 -5.85
C SER A 219 0.82 3.06 -7.08
N ASP A 220 1.77 2.13 -6.92
CA ASP A 220 2.58 1.70 -8.04
C ASP A 220 2.47 0.20 -8.33
N MET A 221 1.47 -0.45 -7.75
CA MET A 221 1.27 -1.88 -7.98
C MET A 221 0.12 -2.15 -8.95
N LYS A 222 0.18 -3.28 -9.62
CA LYS A 222 -0.84 -3.65 -10.59
C LYS A 222 -1.86 -4.63 -10.03
N LEU A 223 -3.13 -4.26 -10.10
CA LEU A 223 -4.21 -5.16 -9.71
C LEU A 223 -4.60 -6.03 -10.90
N GLU A 224 -4.50 -7.34 -10.75
CA GLU A 224 -4.91 -8.23 -11.84
C GLU A 224 -6.19 -8.99 -11.47
N VAL A 225 -7.24 -8.75 -12.25
CA VAL A 225 -8.52 -9.41 -12.03
C VAL A 225 -9.00 -10.09 -13.31
N GLY A 226 -8.89 -11.43 -13.34
CA GLY A 226 -9.38 -12.22 -14.45
C GLY A 226 -8.85 -11.84 -15.83
N GLY A 227 -7.53 -11.60 -15.92
CA GLY A 227 -6.92 -11.29 -17.19
C GLY A 227 -6.87 -9.81 -17.50
N ILE A 228 -7.65 -9.02 -16.76
CA ILE A 228 -7.62 -7.58 -16.91
C ILE A 228 -6.54 -6.98 -16.02
N HIS A 229 -5.70 -6.12 -16.60
CA HIS A 229 -4.57 -5.56 -15.86
C HIS A 229 -4.83 -4.09 -15.48
N TYR A 230 -5.24 -3.88 -14.24
CA TYR A 230 -5.40 -2.53 -13.71
C TYR A 230 -4.07 -2.05 -13.13
N ASN A 231 -3.21 -1.53 -14.01
CA ASN A 231 -1.87 -1.08 -13.63
C ASN A 231 -1.92 0.12 -12.70
N ALA A 232 -3.01 0.86 -12.77
CA ALA A 232 -3.20 2.03 -11.92
C ALA A 232 -4.41 1.84 -11.02
N ALA A 233 -4.15 1.40 -9.80
CA ALA A 233 -5.22 1.19 -8.82
C ALA A 233 -4.69 1.33 -7.39
N PRO A 234 -4.47 2.58 -6.96
CA PRO A 234 -3.94 2.86 -5.62
C PRO A 234 -4.82 2.33 -4.50
N PHE A 235 -4.20 1.70 -3.50
CA PHE A 235 -4.94 1.13 -2.38
C PHE A 235 -4.28 1.45 -1.04
N ASN A 236 -5.08 1.44 0.02
CA ASN A 236 -4.59 1.79 1.35
C ASN A 236 -5.25 0.99 2.47
N GLY A 237 -4.52 0.81 3.56
CA GLY A 237 -5.10 0.34 4.81
C GLY A 237 -4.71 1.35 5.86
N TRP A 238 -4.64 0.92 7.11
CA TRP A 238 -4.03 1.75 8.15
C TRP A 238 -2.67 1.14 8.47
N TYR A 239 -1.80 1.92 9.10
CA TYR A 239 -0.45 1.44 9.40
C TYR A 239 -0.42 0.39 10.50
N MET A 240 0.53 -0.54 10.39
CA MET A 240 0.97 -1.30 11.55
C MET A 240 2.16 -0.50 12.07
N GLY A 241 2.20 -0.27 13.38
CA GLY A 241 3.19 0.62 13.98
C GLY A 241 4.63 0.33 13.61
N THR A 242 4.96 -0.95 13.46
CA THR A 242 6.33 -1.37 13.17
C THR A 242 6.84 -0.90 11.82
N GLU A 243 5.91 -0.71 10.87
CA GLU A 243 6.29 -0.22 9.56
C GLU A 243 6.96 1.15 9.67
N ILE A 244 6.50 1.92 10.65
CA ILE A 244 7.01 3.26 10.88
C ILE A 244 8.17 3.28 11.87
N GLY A 245 7.95 2.69 13.05
CA GLY A 245 8.94 2.71 14.12
C GLY A 245 10.13 1.80 13.93
N ALA A 246 9.93 0.68 13.23
CA ALA A 246 10.97 -0.32 13.12
C ALA A 246 11.66 -0.31 11.75
N ARG A 247 11.05 0.36 10.78
CA ARG A 247 11.57 0.35 9.42
C ARG A 247 11.80 1.75 8.85
N ASN A 248 10.70 2.49 8.62
CA ASN A 248 10.79 3.82 8.03
C ASN A 248 11.70 4.77 8.79
N LEU A 249 11.61 4.74 10.11
CA LEU A 249 12.40 5.64 10.96
C LEU A 249 13.66 4.98 11.49
N ALA A 250 13.75 3.65 11.37
CA ALA A 250 14.83 2.90 12.01
C ALA A 250 15.94 2.42 11.06
N ASP A 251 15.55 1.96 9.86
CA ASP A 251 16.51 1.44 8.88
C ASP A 251 17.65 2.42 8.62
N GLU A 252 18.87 1.90 8.48
CA GLU A 252 20.03 2.73 8.20
C GLU A 252 19.90 3.41 6.85
N LYS A 253 19.24 2.74 5.92
CA LYS A 253 19.03 3.28 4.58
C LYS A 253 17.75 4.11 4.47
N ARG A 254 17.07 4.28 5.60
CA ARG A 254 15.95 5.21 5.68
C ARG A 254 16.33 6.38 6.59
N TYR A 255 15.49 6.67 7.59
CA TYR A 255 15.74 7.82 8.45
C TYR A 255 16.81 7.61 9.52
N ASP A 256 17.14 6.36 9.82
CA ASP A 256 18.32 6.02 10.62
C ASP A 256 18.35 6.75 11.97
N LYS A 257 17.28 6.62 12.75
CA LYS A 257 17.12 7.44 13.95
C LYS A 257 17.44 6.76 15.28
N LEU A 258 17.90 5.51 15.24
CA LEU A 258 18.11 4.75 16.47
C LEU A 258 19.13 5.37 17.44
N LYS A 259 20.23 5.87 16.91
CA LYS A 259 21.27 6.48 17.75
C LYS A 259 20.74 7.71 18.46
N LYS A 260 19.94 8.51 17.74
CA LYS A 260 19.31 9.70 18.32
C LYS A 260 18.23 9.34 19.33
N VAL A 261 17.51 8.25 19.06
CA VAL A 261 16.49 7.76 19.99
C VAL A 261 17.14 7.34 21.30
N ALA A 262 18.25 6.61 21.20
CA ALA A 262 18.97 6.16 22.39
C ALA A 262 19.39 7.35 23.24
N SER A 263 19.80 8.43 22.58
CA SER A 263 20.25 9.63 23.29
C SER A 263 19.12 10.27 24.10
N VAL A 264 17.96 10.48 23.47
CA VAL A 264 16.85 11.14 24.15
C VAL A 264 16.18 10.28 25.22
N ILE A 265 16.31 8.96 25.11
CA ILE A 265 15.76 8.09 26.16
C ILE A 265 16.81 7.84 27.24
N GLY A 266 18.00 8.42 27.05
CA GLY A 266 19.02 8.43 28.07
C GLY A 266 19.78 7.13 28.27
N ILE A 267 20.03 6.39 27.20
CA ILE A 267 20.87 5.20 27.29
C ILE A 267 22.10 5.30 26.39
N ALA A 268 23.17 4.61 26.78
CA ALA A 268 24.39 4.59 25.99
C ALA A 268 24.18 3.80 24.71
N ALA A 269 24.85 4.24 23.64
CA ALA A 269 24.84 3.53 22.37
C ALA A 269 26.26 3.09 22.03
N ASP A 270 26.93 2.46 22.99
CA ASP A 270 28.33 2.11 22.84
C ASP A 270 28.57 0.61 22.70
N TYR A 271 27.76 -0.20 23.36
CA TYR A 271 28.02 -1.64 23.41
C TYR A 271 26.85 -2.47 22.87
N ASN A 272 27.16 -3.40 21.97
CA ASN A 272 26.15 -4.29 21.43
C ASN A 272 25.45 -5.09 22.53
N THR A 273 26.21 -5.45 23.56
CA THR A 273 25.68 -6.27 24.65
C THR A 273 24.68 -5.54 25.55
N ASP A 274 24.58 -4.23 25.39
CA ASP A 274 23.60 -3.44 26.12
C ASP A 274 22.25 -3.49 25.43
N LEU A 275 22.25 -4.02 24.20
CA LEU A 275 21.05 -4.11 23.38
C LEU A 275 20.36 -2.76 23.26
N TRP A 276 21.13 -1.72 22.96
CA TRP A 276 20.58 -0.37 22.92
C TRP A 276 19.71 -0.11 21.70
N LYS A 277 20.05 -0.76 20.58
CA LYS A 277 19.23 -0.67 19.38
C LYS A 277 17.86 -1.30 19.64
N ASP A 278 17.87 -2.43 20.34
CA ASP A 278 16.64 -3.16 20.64
C ASP A 278 15.75 -2.34 21.55
N GLN A 279 16.34 -1.72 22.56
CA GLN A 279 15.61 -0.89 23.50
C GLN A 279 15.09 0.37 22.81
N ALA A 280 15.90 0.95 21.94
CA ALA A 280 15.51 2.15 21.20
C ALA A 280 14.35 1.84 20.26
N LEU A 281 14.40 0.67 19.64
CA LEU A 281 13.33 0.21 18.76
C LEU A 281 12.00 0.09 19.50
N VAL A 282 12.04 -0.45 20.71
CA VAL A 282 10.83 -0.64 21.49
C VAL A 282 10.22 0.71 21.90
N GLU A 283 11.04 1.61 22.44
CA GLU A 283 10.55 2.91 22.87
C GLU A 283 10.04 3.74 21.71
N LEU A 284 10.73 3.68 20.57
CA LEU A 284 10.31 4.39 19.37
C LEU A 284 8.98 3.85 18.85
N ASN A 285 8.84 2.52 18.87
CA ASN A 285 7.61 1.90 18.42
C ASN A 285 6.45 2.12 19.38
N LYS A 286 6.76 2.29 20.66
CA LYS A 286 5.76 2.66 21.65
C LYS A 286 5.32 4.09 21.39
N ALA A 287 6.27 4.94 21.03
CA ALA A 287 5.99 6.35 20.76
C ALA A 287 5.06 6.52 19.56
N VAL A 288 5.33 5.75 18.50
CA VAL A 288 4.53 5.79 17.29
C VAL A 288 3.07 5.41 17.55
N LEU A 289 2.87 4.29 18.23
CA LEU A 289 1.52 3.84 18.58
C LEU A 289 0.79 4.87 19.44
N HIS A 290 1.48 5.38 20.46
CA HIS A 290 0.92 6.38 21.35
C HIS A 290 0.53 7.65 20.60
N SER A 291 1.35 8.05 19.63
CA SER A 291 1.14 9.29 18.90
C SER A 291 -0.08 9.23 17.98
N TYR A 292 -0.21 8.14 17.24
CA TYR A 292 -1.35 7.96 16.35
C TYR A 292 -2.65 7.86 17.15
N LYS A 293 -2.59 7.16 18.28
CA LYS A 293 -3.75 6.99 19.15
C LYS A 293 -4.19 8.33 19.76
N LYS A 294 -3.22 9.13 20.20
CA LYS A 294 -3.52 10.43 20.80
C LYS A 294 -4.20 11.38 19.80
N GLN A 295 -3.81 11.28 18.54
CA GLN A 295 -4.32 12.19 17.51
C GLN A 295 -5.62 11.66 16.89
N GLY A 296 -5.97 10.42 17.22
CA GLY A 296 -7.18 9.83 16.69
C GLY A 296 -7.01 9.36 15.26
N VAL A 297 -5.81 8.90 14.94
CA VAL A 297 -5.54 8.32 13.63
C VAL A 297 -5.38 6.81 13.80
N SER A 298 -6.10 6.05 12.97
CA SER A 298 -6.09 4.60 13.06
C SER A 298 -4.70 4.01 12.89
N ILE A 299 -4.38 3.03 13.73
CA ILE A 299 -3.13 2.29 13.66
C ILE A 299 -3.34 0.98 14.41
N VAL A 300 -2.52 -0.02 14.10
CA VAL A 300 -2.59 -1.30 14.80
C VAL A 300 -1.20 -1.75 15.23
N ASP A 301 -1.08 -2.28 16.44
CA ASP A 301 0.20 -2.82 16.88
C ASP A 301 0.38 -4.22 16.30
N HIS A 302 1.61 -4.72 16.27
CA HIS A 302 1.89 -5.98 15.59
C HIS A 302 1.31 -7.21 16.29
N HIS A 303 1.09 -7.12 17.61
CA HIS A 303 0.50 -8.23 18.35
C HIS A 303 -0.97 -8.38 17.98
N THR A 304 -1.70 -7.27 18.02
CA THR A 304 -3.11 -7.26 17.69
C THR A 304 -3.31 -7.67 16.23
N ALA A 305 -2.42 -7.20 15.37
CA ALA A 305 -2.49 -7.53 13.95
C ALA A 305 -2.29 -9.02 13.71
N ALA A 306 -1.35 -9.63 14.43
CA ALA A 306 -1.09 -11.06 14.33
C ALA A 306 -2.29 -11.88 14.83
N SER A 307 -2.96 -11.39 15.86
CA SER A 307 -4.17 -12.02 16.37
C SER A 307 -5.27 -12.01 15.32
N GLN A 308 -5.43 -10.87 14.67
CA GLN A 308 -6.40 -10.73 13.60
C GLN A 308 -6.05 -11.66 12.45
N PHE A 309 -4.77 -11.78 12.14
CA PHE A 309 -4.33 -12.67 11.07
C PHE A 309 -4.61 -14.13 11.39
N LYS A 310 -4.47 -14.49 12.66
CA LYS A 310 -4.81 -15.84 13.12
C LYS A 310 -6.26 -16.14 12.81
N ARG A 311 -7.12 -15.14 12.99
CA ARG A 311 -8.54 -15.29 12.70
C ARG A 311 -8.77 -15.40 11.19
N PHE A 312 -7.94 -14.71 10.40
CA PHE A 312 -7.99 -14.85 8.95
C PHE A 312 -7.67 -16.28 8.54
N GLU A 313 -6.66 -16.87 9.18
CA GLU A 313 -6.28 -18.25 8.92
C GLU A 313 -7.42 -19.19 9.25
N GLU A 314 -8.05 -18.97 10.41
CA GLU A 314 -9.15 -19.79 10.86
C GLU A 314 -10.37 -19.63 9.94
N GLN A 315 -10.65 -18.38 9.56
CA GLN A 315 -11.75 -18.07 8.67
C GLN A 315 -11.56 -18.76 7.31
N ALA A 316 -10.32 -18.75 6.82
CA ALA A 316 -9.99 -19.37 5.55
C ALA A 316 -10.25 -20.87 5.58
N GLU A 317 -9.78 -21.54 6.63
CA GLU A 317 -9.99 -22.97 6.81
C GLU A 317 -11.48 -23.31 6.83
N GLU A 318 -12.26 -22.48 7.52
CA GLU A 318 -13.69 -22.69 7.66
C GLU A 318 -14.41 -22.55 6.32
N ALA A 319 -13.94 -21.62 5.49
CA ALA A 319 -14.58 -21.37 4.19
C ALA A 319 -14.14 -22.38 3.13
N GLY A 320 -13.23 -23.27 3.51
CA GLY A 320 -12.73 -24.28 2.59
C GLY A 320 -11.63 -23.73 1.69
N ARG A 321 -11.23 -22.49 1.94
CA ARG A 321 -10.21 -21.84 1.14
C ARG A 321 -8.80 -22.22 1.57
N LYS A 322 -7.95 -22.51 0.59
CA LYS A 322 -6.54 -22.77 0.85
C LYS A 322 -5.89 -21.47 1.29
N LEU A 323 -4.98 -21.55 2.26
CA LEU A 323 -4.30 -20.36 2.77
C LEU A 323 -2.91 -20.24 2.17
N THR A 324 -2.58 -19.05 1.69
CA THR A 324 -1.22 -18.78 1.20
C THR A 324 -0.61 -17.60 1.94
N GLY A 325 0.72 -17.58 2.06
CA GLY A 325 1.39 -16.51 2.76
C GLY A 325 2.90 -16.54 2.63
N ASP A 326 3.53 -15.39 2.85
CA ASP A 326 4.98 -15.28 2.82
C ASP A 326 5.49 -15.03 4.23
N TRP A 327 6.03 -16.07 4.85
CA TRP A 327 6.51 -16.03 6.23
C TRP A 327 7.50 -14.88 6.46
N THR A 328 8.36 -14.64 5.47
CA THR A 328 9.41 -13.62 5.60
C THR A 328 8.86 -12.20 5.65
N TRP A 329 7.63 -12.01 5.18
CA TRP A 329 6.99 -10.69 5.21
C TRP A 329 5.92 -10.60 6.30
N LEU A 330 5.35 -11.74 6.64
CA LEU A 330 4.26 -11.79 7.61
C LEU A 330 4.74 -11.54 9.04
N ILE A 331 5.92 -12.05 9.38
CA ILE A 331 6.48 -11.80 10.70
C ILE A 331 6.81 -10.32 10.88
N PRO A 332 6.47 -9.75 12.04
CA PRO A 332 6.81 -8.35 12.32
C PRO A 332 8.30 -8.22 12.58
N PRO A 333 8.86 -7.02 12.36
CA PRO A 333 10.31 -6.81 12.49
C PRO A 333 10.76 -6.63 13.94
N ILE A 334 9.83 -6.58 14.89
CA ILE A 334 10.20 -6.66 16.30
C ILE A 334 9.39 -7.72 17.04
N SER A 335 10.07 -8.44 17.94
CA SER A 335 9.49 -9.57 18.67
C SER A 335 8.65 -10.53 17.81
N PRO A 336 9.19 -10.97 16.65
CA PRO A 336 8.34 -11.82 15.81
C PRO A 336 8.00 -13.15 16.47
N ALA A 337 8.89 -13.66 17.33
CA ALA A 337 8.66 -14.93 17.99
C ALA A 337 7.57 -14.86 19.06
N ALA A 338 7.12 -13.64 19.35
CA ALA A 338 6.02 -13.44 20.29
C ALA A 338 4.68 -13.58 19.59
N THR A 339 4.72 -13.75 18.27
CA THR A 339 3.52 -13.97 17.46
C THR A 339 3.44 -15.42 17.01
N HIS A 340 2.22 -15.88 16.74
CA HIS A 340 2.01 -17.26 16.29
C HIS A 340 2.58 -17.48 14.89
N ILE A 341 2.64 -16.40 14.12
CA ILE A 341 3.12 -16.45 12.74
C ILE A 341 4.51 -17.08 12.65
N PHE A 342 5.40 -16.64 13.55
CA PHE A 342 6.76 -17.13 13.63
C PHE A 342 6.83 -18.65 13.75
N HIS A 343 5.88 -19.24 14.47
CA HIS A 343 5.97 -20.64 14.86
C HIS A 343 5.23 -21.59 13.93
N ARG A 344 4.82 -21.10 12.77
CA ARG A 344 4.26 -21.97 11.74
C ARG A 344 4.81 -21.62 10.37
N SER A 345 4.48 -22.43 9.37
CA SER A 345 4.93 -22.19 8.01
C SER A 345 3.75 -21.81 7.11
N TYR A 346 4.06 -21.23 5.95
CA TYR A 346 3.03 -20.77 5.02
C TYR A 346 3.39 -21.12 3.58
N ASP A 347 2.40 -21.60 2.83
CA ASP A 347 2.58 -21.87 1.41
C ASP A 347 2.62 -20.55 0.65
N ASN A 348 3.71 -20.27 -0.04
CA ASN A 348 3.89 -18.99 -0.72
C ASN A 348 3.47 -19.01 -2.20
N SER A 349 2.50 -19.86 -2.52
CA SER A 349 2.03 -19.97 -3.89
C SER A 349 1.25 -18.71 -4.31
N ILE A 350 1.35 -18.35 -5.59
CA ILE A 350 0.61 -17.19 -6.11
C ILE A 350 -0.79 -17.59 -6.60
N VAL A 351 -1.81 -16.96 -6.02
CA VAL A 351 -3.18 -17.15 -6.46
C VAL A 351 -3.73 -15.84 -7.00
N LYS A 352 -4.42 -15.90 -8.14
CA LYS A 352 -5.06 -14.71 -8.71
C LYS A 352 -6.56 -14.75 -8.45
N PRO A 353 -7.21 -13.57 -8.34
CA PRO A 353 -6.70 -12.19 -8.45
C PRO A 353 -5.64 -11.81 -7.40
N ASN A 354 -4.79 -10.85 -7.74
CA ASN A 354 -3.72 -10.43 -6.86
C ASN A 354 -3.12 -9.08 -7.27
N TYR A 355 -2.24 -8.55 -6.42
CA TYR A 355 -1.51 -7.33 -6.74
C TYR A 355 -0.06 -7.66 -7.06
N PHE A 356 0.48 -7.02 -8.10
CA PHE A 356 1.82 -7.36 -8.59
C PHE A 356 2.73 -6.14 -8.73
N TYR A 357 4.04 -6.38 -8.68
CA TYR A 357 5.02 -5.32 -8.90
C TYR A 357 5.04 -4.89 -10.36
N GLN A 358 5.39 -3.64 -10.61
CA GLN A 358 5.63 -3.16 -11.96
C GLN A 358 6.95 -2.39 -12.00
N ASP A 359 7.55 -2.32 -13.20
CA ASP A 359 8.77 -1.54 -13.38
C ASP A 359 8.48 -0.06 -13.16
N LYS A 360 9.41 0.61 -12.48
CA LYS A 360 9.31 2.06 -12.31
C LYS A 360 9.65 2.75 -13.63
N PRO A 361 8.81 3.71 -14.06
CA PRO A 361 9.05 4.51 -15.26
C PRO A 361 10.23 5.45 -15.11
N TYR A 362 10.43 5.99 -13.90
CA TYR A 362 11.71 6.57 -13.53
C TYR A 362 12.63 5.40 -13.19
N GLU A 363 13.93 5.64 -13.12
CA GLU A 363 14.94 4.57 -13.06
C GLU A 363 14.94 3.75 -14.35
#